data_3LE8
#
_entry.id   3LE8
#
_cell.length_a   48.580
_cell.length_b   71.140
_cell.length_c   81.490
_cell.angle_alpha   90.00
_cell.angle_beta   99.04
_cell.angle_gamma   90.00
#
_symmetry.space_group_name_H-M   'P 1 21 1'
#
loop_
_entity.id
_entity.type
_entity.pdbx_description
1 polymer 'Pantothenate synthetase'
2 non-polymer '2-(2-((benzofuran-2-carboxamido)methyl)-5-methoxy-1H-indol-1-yl)acetic acid'
3 non-polymer 1,2-ETHANEDIOL
4 non-polymer GLYCEROL
5 non-polymer ETHANOL
6 water water
#
_entity_poly.entity_id   1
_entity_poly.type   'polypeptide(L)'
_entity_poly.pdbx_seq_one_letter_code
;MAIPAFHPGELNVYSAPGDVADVSRALRLTGRRVMLVPTMGALHEGHLALVRAAKRVPGSVVVVSIFVNPMQFGAGGDLD
AYPRTPDDDLAQLRAEGVEIAFTPTTAAMYPDGLRTTVQPGPLAAELEGGPRPTHFAGVLTVVLKLLQIVRPDRVFFGEK
DYQQLVLIRQLVADFNLDVAVVGVPTVREADGLAMSSRNRYLDPAQRAAAVALSAALTAAAHAATAGAQAALDAARAVLD
AAPGVAVDYLELRDIGLGPMPLNGSGRLLVAARLGTTRLLDNIAIEIGTFAGTDRPDGYR
;
_entity_poly.pdbx_strand_id   A,B
#
loop_
_chem_comp.id
_chem_comp.type
_chem_comp.name
_chem_comp.formula
2B5 non-polymer '2-(2-((benzofuran-2-carboxamido)methyl)-5-methoxy-1H-indol-1-yl)acetic acid' 'C21 H18 N2 O5'
EDO non-polymer 1,2-ETHANEDIOL 'C2 H6 O2'
EOH non-polymer ETHANOL 'C2 H6 O'
GOL non-polymer GLYCEROL 'C3 H8 O3'
#
# COMPACT_ATOMS: atom_id res chain seq x y z
N ILE A 3 -15.96 -14.39 12.55
CA ILE A 3 -17.30 -13.78 12.84
C ILE A 3 -17.53 -13.58 14.36
N PRO A 4 -17.52 -12.31 14.80
CA PRO A 4 -18.07 -11.92 16.10
C PRO A 4 -19.59 -11.84 15.88
N ALA A 5 -20.36 -11.32 16.82
CA ALA A 5 -21.79 -11.05 16.55
C ALA A 5 -22.00 -9.87 15.58
N PHE A 6 -22.96 -9.99 14.67
CA PHE A 6 -23.41 -8.88 13.86
C PHE A 6 -24.92 -8.81 13.93
N HIS A 7 -25.41 -7.77 14.58
CA HIS A 7 -26.84 -7.51 14.68
C HIS A 7 -27.29 -6.44 13.69
N PRO A 8 -27.97 -6.88 12.60
CA PRO A 8 -28.54 -6.02 11.57
C PRO A 8 -29.55 -5.03 12.10
N GLY A 9 -29.64 -3.89 11.43
CA GLY A 9 -30.46 -2.79 11.95
C GLY A 9 -30.06 -2.30 13.33
N GLU A 10 -28.89 -2.71 13.82
CA GLU A 10 -28.32 -2.01 14.99
C GLU A 10 -26.90 -1.52 14.67
N LEU A 11 -26.37 -0.63 15.52
CA LEU A 11 -24.98 -0.21 15.37
C LEU A 11 -24.07 -1.18 16.12
N ASN A 12 -23.21 -1.87 15.37
CA ASN A 12 -22.23 -2.80 15.86
C ASN A 12 -20.87 -2.10 15.82
N VAL A 13 -20.21 -2.10 16.96
CA VAL A 13 -18.89 -1.38 17.12
C VAL A 13 -17.82 -2.47 17.36
N TYR A 14 -16.79 -2.44 16.54
CA TYR A 14 -15.66 -3.37 16.59
C TYR A 14 -14.37 -2.58 16.70
N SER A 15 -13.51 -2.95 17.65
CA SER A 15 -12.21 -2.30 17.75
CA SER A 15 -12.20 -2.32 17.80
C SER A 15 -11.10 -3.12 17.14
N ALA A 16 -11.26 -4.42 17.08
CA ALA A 16 -10.19 -5.26 16.56
C ALA A 16 -10.24 -5.32 15.03
N PRO A 17 -9.12 -5.08 14.35
CA PRO A 17 -9.21 -5.20 12.88
C PRO A 17 -9.66 -6.57 12.36
N GLY A 18 -9.20 -7.68 13.00
CA GLY A 18 -9.69 -9.04 12.65
C GLY A 18 -11.21 -9.19 12.77
N ASP A 19 -11.84 -8.57 13.77
CA ASP A 19 -13.31 -8.68 13.87
C ASP A 19 -14.03 -7.99 12.73
N VAL A 20 -13.68 -6.74 12.42
CA VAL A 20 -14.40 -6.08 11.34
C VAL A 20 -14.06 -6.73 10.01
N ALA A 21 -12.86 -7.28 9.86
CA ALA A 21 -12.48 -7.91 8.59
C ALA A 21 -13.41 -9.14 8.41
N ASP A 22 -13.55 -9.90 9.46
CA ASP A 22 -14.35 -11.15 9.42
C ASP A 22 -15.82 -10.89 9.11
N VAL A 23 -16.40 -9.88 9.75
CA VAL A 23 -17.78 -9.47 9.52
C VAL A 23 -17.97 -8.98 8.12
N SER A 24 -17.02 -8.15 7.65
CA SER A 24 -17.13 -7.57 6.33
C SER A 24 -17.09 -8.66 5.25
N ARG A 25 -16.21 -9.62 5.42
N ARG A 25 -16.20 -9.62 5.42
CA ARG A 25 -16.06 -10.69 4.43
CA ARG A 25 -16.02 -10.66 4.41
C ARG A 25 -17.36 -11.47 4.47
C ARG A 25 -17.23 -11.61 4.47
N ALA A 26 -17.78 -11.82 5.68
CA ALA A 26 -19.02 -12.62 5.86
C ALA A 26 -20.19 -11.96 5.11
N LEU A 27 -20.35 -10.65 5.34
CA LEU A 27 -21.41 -9.89 4.66
C LEU A 27 -21.26 -9.86 3.15
N ARG A 28 -20.05 -9.60 2.64
CA ARG A 28 -19.92 -9.55 1.19
CA ARG A 28 -19.81 -9.58 1.20
C ARG A 28 -20.29 -10.90 0.55
N LEU A 29 -20.00 -11.99 1.24
CA LEU A 29 -20.27 -13.33 0.75
C LEU A 29 -21.73 -13.70 0.82
N THR A 30 -22.55 -12.95 1.53
CA THR A 30 -23.98 -13.15 1.49
C THR A 30 -24.63 -12.14 0.56
N GLY A 31 -23.83 -11.47 -0.28
CA GLY A 31 -24.43 -10.51 -1.24
C GLY A 31 -24.52 -9.01 -0.90
N ARG A 32 -24.11 -8.60 0.30
CA ARG A 32 -24.18 -7.20 0.69
C ARG A 32 -22.96 -6.47 0.16
N ARG A 33 -23.15 -5.28 -0.35
CA ARG A 33 -21.97 -4.55 -0.82
CA ARG A 33 -22.03 -4.50 -0.86
C ARG A 33 -21.48 -3.70 0.32
N VAL A 34 -20.17 -3.76 0.56
CA VAL A 34 -19.64 -3.08 1.75
C VAL A 34 -19.15 -1.65 1.36
N MET A 35 -19.63 -0.64 2.11
CA MET A 35 -19.28 0.76 1.84
C MET A 35 -18.45 1.20 3.02
N LEU A 36 -17.34 1.83 2.70
CA LEU A 36 -16.48 2.37 3.79
C LEU A 36 -16.47 3.91 3.74
N VAL A 37 -16.67 4.54 4.90
CA VAL A 37 -16.58 5.98 5.08
C VAL A 37 -15.45 6.21 6.14
N PRO A 38 -14.26 6.55 5.71
CA PRO A 38 -13.20 6.75 6.75
C PRO A 38 -13.30 8.11 7.36
N THR A 39 -13.10 8.19 8.68
CA THR A 39 -13.24 9.47 9.36
C THR A 39 -12.20 9.56 10.47
N MET A 40 -12.01 10.78 10.96
CA MET A 40 -11.15 11.11 12.10
CA MET A 40 -11.17 11.05 12.13
CA MET A 40 -11.18 10.94 12.17
C MET A 40 -12.06 11.40 13.32
N GLY A 41 -13.33 10.99 13.23
CA GLY A 41 -14.26 11.33 14.31
C GLY A 41 -14.64 12.81 14.27
N ALA A 42 -15.19 13.28 15.40
CA ALA A 42 -15.74 14.62 15.49
C ALA A 42 -16.70 14.87 14.30
N LEU A 43 -17.73 14.03 14.19
CA LEU A 43 -18.55 13.98 13.02
C LEU A 43 -19.43 15.19 12.88
N HIS A 44 -19.49 15.69 11.67
CA HIS A 44 -20.39 16.77 11.36
C HIS A 44 -21.23 16.39 10.12
N GLU A 45 -22.06 17.33 9.65
CA GLU A 45 -23.01 17.04 8.58
CA GLU A 45 -23.01 17.01 8.59
C GLU A 45 -22.29 16.65 7.30
N GLY A 46 -21.03 17.10 7.18
CA GLY A 46 -20.30 16.69 5.97
C GLY A 46 -20.03 15.18 6.02
N HIS A 47 -19.58 14.69 7.18
CA HIS A 47 -19.51 13.24 7.34
C HIS A 47 -20.86 12.53 7.12
N LEU A 48 -21.95 13.12 7.61
CA LEU A 48 -23.25 12.43 7.46
C LEU A 48 -23.67 12.41 5.97
N ALA A 49 -23.22 13.39 5.20
CA ALA A 49 -23.43 13.30 3.74
C ALA A 49 -22.71 12.10 3.13
N LEU A 50 -21.50 11.78 3.63
CA LEU A 50 -20.80 10.63 3.10
C LEU A 50 -21.59 9.38 3.47
N VAL A 51 -22.06 9.32 4.72
CA VAL A 51 -22.77 8.15 5.17
C VAL A 51 -24.07 7.94 4.35
N ARG A 52 -24.80 9.03 4.14
CA ARG A 52 -26.02 9.01 3.30
C ARG A 52 -25.78 8.53 1.88
N ALA A 53 -24.68 8.97 1.25
CA ALA A 53 -24.28 8.55 -0.10
C ALA A 53 -24.00 7.08 -0.08
N ALA A 54 -23.27 6.60 0.94
CA ALA A 54 -23.04 5.20 1.06
C ALA A 54 -24.33 4.40 1.25
N LYS A 55 -25.26 4.90 2.06
CA LYS A 55 -26.47 4.09 2.37
C LYS A 55 -27.34 4.00 1.12
N ARG A 56 -27.24 4.98 0.25
CA ARG A 56 -28.06 5.02 -0.95
C ARG A 56 -27.66 3.92 -1.99
N VAL A 57 -26.48 3.31 -1.83
CA VAL A 57 -26.07 2.21 -2.72
C VAL A 57 -26.90 0.96 -2.42
N PRO A 58 -27.68 0.46 -3.41
CA PRO A 58 -28.52 -0.71 -3.19
C PRO A 58 -27.80 -1.91 -2.52
N GLY A 59 -28.38 -2.44 -1.47
CA GLY A 59 -27.86 -3.62 -0.86
C GLY A 59 -26.64 -3.31 0.02
N SER A 60 -26.36 -2.03 0.21
CA SER A 60 -25.19 -1.68 1.02
C SER A 60 -25.24 -2.13 2.49
N VAL A 61 -24.03 -2.39 3.03
CA VAL A 61 -23.81 -2.30 4.49
C VAL A 61 -22.75 -1.18 4.67
N VAL A 62 -22.93 -0.27 5.64
CA VAL A 62 -22.03 0.93 5.74
C VAL A 62 -21.08 0.69 6.91
N VAL A 63 -19.79 0.81 6.63
CA VAL A 63 -18.81 0.71 7.69
C VAL A 63 -18.27 2.10 7.82
N VAL A 64 -18.29 2.66 9.02
CA VAL A 64 -17.72 3.96 9.25
C VAL A 64 -16.51 3.75 10.17
N SER A 65 -15.31 4.19 9.75
CA SER A 65 -14.14 4.07 10.64
C SER A 65 -13.91 5.40 11.34
N ILE A 66 -13.50 5.26 12.59
CA ILE A 66 -13.18 6.43 13.42
C ILE A 66 -11.80 6.13 13.98
N PHE A 67 -10.83 6.92 13.57
CA PHE A 67 -9.47 6.74 14.02
C PHE A 67 -8.66 8.00 13.76
N VAL A 68 -8.06 8.51 14.84
CA VAL A 68 -7.27 9.75 14.67
C VAL A 68 -5.88 9.26 14.42
N ASN A 69 -5.43 9.40 13.19
CA ASN A 69 -4.24 8.68 12.79
C ASN A 69 -2.97 9.41 13.19
N PRO A 70 -2.20 8.86 14.16
CA PRO A 70 -1.03 9.67 14.56
C PRO A 70 -0.04 9.91 13.44
N MET A 71 -0.02 9.06 12.44
CA MET A 71 1.09 9.17 11.45
C MET A 71 1.02 10.37 10.49
N GLN A 72 -0.16 10.96 10.35
CA GLN A 72 -0.31 12.06 9.43
C GLN A 72 -0.19 13.40 10.18
N PHE A 73 0.14 13.37 11.47
CA PHE A 73 0.29 14.60 12.25
C PHE A 73 1.79 14.87 12.40
N GLY A 74 2.16 16.14 12.35
CA GLY A 74 3.52 16.53 12.66
C GLY A 74 3.66 17.13 14.02
N ALA A 75 3.95 18.43 14.08
CA ALA A 75 3.92 19.16 15.34
C ALA A 75 4.62 18.33 16.37
N GLY A 76 4.44 18.64 17.64
CA GLY A 76 3.64 19.74 18.08
C GLY A 76 2.48 19.17 18.82
N GLY A 77 1.48 19.99 19.03
CA GLY A 77 0.37 19.53 19.84
C GLY A 77 -0.84 19.28 18.99
N ASP A 78 -0.60 19.15 17.67
CA ASP A 78 -1.68 18.97 16.69
C ASP A 78 -2.43 17.68 16.93
N LEU A 79 -1.68 16.60 17.18
CA LEU A 79 -2.29 15.29 17.45
C LEU A 79 -3.13 15.36 18.73
N ASP A 80 -2.55 15.96 19.76
CA ASP A 80 -3.29 15.99 21.03
C ASP A 80 -4.46 16.94 20.97
N ALA A 81 -4.38 17.95 20.06
CA ALA A 81 -5.39 19.02 19.87
C ALA A 81 -6.58 18.57 19.03
N TYR A 82 -6.43 17.51 18.25
CA TYR A 82 -7.54 17.15 17.38
C TYR A 82 -8.79 16.84 18.17
N PRO A 83 -10.00 17.36 17.75
CA PRO A 83 -11.23 17.09 18.58
C PRO A 83 -11.62 15.63 18.69
N ARG A 84 -11.88 15.17 19.91
CA ARG A 84 -12.34 13.81 20.06
C ARG A 84 -13.70 13.89 20.79
N THR A 85 -14.76 13.41 20.13
CA THR A 85 -16.14 13.46 20.67
C THR A 85 -16.79 12.12 20.37
N PRO A 86 -16.21 11.04 20.91
CA PRO A 86 -16.59 9.66 20.60
C PRO A 86 -18.10 9.42 20.86
N ASP A 87 -18.65 10.09 21.88
CA ASP A 87 -20.01 9.78 22.31
C ASP A 87 -20.99 10.43 21.33
N ASP A 88 -20.77 11.69 20.99
CA ASP A 88 -21.63 12.29 19.99
C ASP A 88 -21.44 11.50 18.68
N ASP A 89 -20.20 11.04 18.35
CA ASP A 89 -19.99 10.34 17.04
C ASP A 89 -20.84 9.09 16.87
N LEU A 90 -20.77 8.16 17.83
CA LEU A 90 -21.62 6.95 17.73
C LEU A 90 -23.12 7.24 17.76
N ALA A 91 -23.54 8.25 18.50
CA ALA A 91 -24.96 8.66 18.55
C ALA A 91 -25.43 9.11 17.19
N GLN A 92 -24.62 9.93 16.51
CA GLN A 92 -24.93 10.30 15.16
C GLN A 92 -25.06 9.09 14.24
N LEU A 93 -24.16 8.09 14.39
CA LEU A 93 -24.14 6.96 13.45
C LEU A 93 -25.39 6.15 13.72
N ARG A 94 -25.78 6.02 14.98
CA ARG A 94 -27.02 5.23 15.24
C ARG A 94 -28.25 5.91 14.60
N ALA A 95 -28.33 7.24 14.75
CA ALA A 95 -29.42 8.03 14.14
C ALA A 95 -29.39 7.91 12.59
N GLU A 96 -28.25 7.59 12.01
CA GLU A 96 -28.21 7.49 10.54
C GLU A 96 -28.48 6.08 10.09
N GLY A 97 -28.66 5.15 11.01
CA GLY A 97 -28.88 3.74 10.63
C GLY A 97 -27.64 2.99 10.15
N VAL A 98 -26.45 3.55 10.39
CA VAL A 98 -25.21 2.78 10.17
C VAL A 98 -25.13 1.52 11.03
N GLU A 99 -24.70 0.45 10.42
CA GLU A 99 -24.62 -0.82 11.12
C GLU A 99 -23.26 -1.24 11.64
N ILE A 100 -22.18 -0.68 11.08
CA ILE A 100 -20.85 -0.98 11.58
C ILE A 100 -20.00 0.32 11.82
N ALA A 101 -19.49 0.44 13.04
CA ALA A 101 -18.44 1.45 13.33
C ALA A 101 -17.17 0.62 13.63
N PHE A 102 -16.04 1.04 13.05
CA PHE A 102 -14.77 0.41 13.31
C PHE A 102 -13.90 1.46 14.03
N THR A 103 -13.53 1.15 15.26
CA THR A 103 -12.88 2.11 16.15
C THR A 103 -11.60 1.44 16.68
N PRO A 104 -10.57 1.34 15.82
CA PRO A 104 -9.36 0.69 16.27
C PRO A 104 -8.50 1.48 17.23
N THR A 105 -7.70 0.74 17.98
CA THR A 105 -6.71 1.41 18.87
C THR A 105 -5.48 1.68 18.00
N THR A 106 -4.63 2.58 18.49
CA THR A 106 -3.36 2.86 17.87
C THR A 106 -2.47 1.64 17.87
N ALA A 107 -2.47 0.87 18.98
CA ALA A 107 -1.72 -0.36 19.04
C ALA A 107 -2.16 -1.42 18.01
N ALA A 108 -3.47 -1.50 17.70
CA ALA A 108 -3.97 -2.50 16.77
C ALA A 108 -3.54 -2.09 15.38
N MET A 109 -3.45 -0.79 15.13
CA MET A 109 -3.09 -0.28 13.77
C MET A 109 -1.61 -0.27 13.53
N TYR A 110 -0.82 0.02 14.61
CA TYR A 110 0.61 0.25 14.43
C TYR A 110 1.37 -0.60 15.46
N PRO A 111 1.15 -1.93 15.48
CA PRO A 111 1.78 -2.71 16.55
C PRO A 111 3.30 -2.74 16.38
N ASP A 112 3.82 -2.44 15.17
CA ASP A 112 5.27 -2.40 14.97
C ASP A 112 5.82 -1.04 14.78
N GLY A 113 5.01 -0.05 15.15
CA GLY A 113 5.27 1.35 14.91
C GLY A 113 5.25 1.65 13.42
N LEU A 114 5.97 2.67 13.02
CA LEU A 114 6.16 2.99 11.61
C LEU A 114 7.20 2.11 10.99
N ARG A 115 6.77 1.29 10.03
CA ARG A 115 7.74 0.40 9.40
C ARG A 115 7.51 0.52 7.92
N THR A 116 6.74 -0.38 7.30
CA THR A 116 6.55 -0.20 5.79
C THR A 116 5.49 0.93 5.64
N THR A 117 5.71 1.81 4.69
CA THR A 117 4.75 2.93 4.51
C THR A 117 4.52 3.20 3.07
N VAL A 118 3.50 4.02 2.77
CA VAL A 118 3.20 4.40 1.39
C VAL A 118 4.00 5.68 1.14
N GLN A 119 4.72 5.75 0.03
CA GLN A 119 5.39 7.00 -0.32
C GLN A 119 4.50 7.56 -1.48
N PRO A 120 3.77 8.62 -1.22
CA PRO A 120 3.04 9.21 -2.37
C PRO A 120 3.92 9.74 -3.50
N GLY A 121 3.31 9.95 -4.65
CA GLY A 121 4.00 10.66 -5.72
C GLY A 121 4.27 12.15 -5.39
N PRO A 122 4.80 12.89 -6.36
CA PRO A 122 5.28 14.26 -6.17
C PRO A 122 4.20 15.30 -5.73
N LEU A 123 2.91 15.00 -5.97
CA LEU A 123 1.79 15.84 -5.50
C LEU A 123 1.82 16.07 -3.98
N ALA A 124 2.37 15.11 -3.24
CA ALA A 124 2.35 15.19 -1.79
C ALA A 124 3.31 16.25 -1.25
N ALA A 125 4.21 16.74 -2.10
CA ALA A 125 5.15 17.79 -1.65
C ALA A 125 4.64 19.20 -2.05
N GLU A 126 3.48 19.28 -2.72
CA GLU A 126 2.92 20.58 -3.20
C GLU A 126 1.83 21.01 -2.19
N LEU A 127 1.41 22.29 -2.21
CA LEU A 127 0.20 22.75 -1.46
C LEU A 127 0.27 22.41 0.03
N GLU A 128 -0.64 21.58 0.57
CA GLU A 128 -0.62 21.28 2.02
C GLU A 128 0.67 20.56 2.42
N GLY A 129 1.26 19.87 1.46
CA GLY A 129 2.43 19.03 1.76
C GLY A 129 3.75 19.81 1.74
N GLY A 130 3.77 20.98 1.10
CA GLY A 130 5.05 21.78 1.05
C GLY A 130 5.69 21.89 2.44
N PRO A 131 4.92 22.35 3.45
CA PRO A 131 5.49 22.49 4.81
C PRO A 131 5.35 21.26 5.70
N ARG A 132 4.73 20.19 5.19
CA ARG A 132 4.35 19.04 6.02
C ARG A 132 4.71 17.84 5.16
N PRO A 133 6.01 17.61 4.94
CA PRO A 133 6.47 16.66 3.90
C PRO A 133 6.07 15.18 4.09
N THR A 134 5.66 14.77 5.29
CA THR A 134 5.28 13.38 5.58
C THR A 134 3.78 13.28 5.88
N HIS A 135 3.07 14.39 5.81
CA HIS A 135 1.65 14.38 6.13
C HIS A 135 0.91 13.38 5.22
N PHE A 136 1.10 13.46 3.90
CA PHE A 136 0.26 12.61 3.05
C PHE A 136 0.74 11.14 2.98
N ALA A 137 2.04 10.87 3.20
CA ALA A 137 2.48 9.46 3.41
C ALA A 137 1.65 8.85 4.58
N GLY A 138 1.42 9.64 5.62
CA GLY A 138 0.61 9.12 6.77
C GLY A 138 -0.84 8.85 6.40
N VAL A 139 -1.42 9.79 5.65
CA VAL A 139 -2.79 9.58 5.17
C VAL A 139 -2.93 8.34 4.27
N LEU A 140 -2.07 8.22 3.28
CA LEU A 140 -2.19 7.13 2.35
C LEU A 140 -1.88 5.77 2.95
N THR A 141 -0.99 5.78 3.95
CA THR A 141 -0.63 4.53 4.64
C THR A 141 -1.89 4.07 5.46
N VAL A 142 -2.52 5.01 6.17
CA VAL A 142 -3.71 4.61 6.87
C VAL A 142 -4.88 4.19 5.95
N VAL A 143 -5.04 4.88 4.83
CA VAL A 143 -6.14 4.61 3.96
C VAL A 143 -5.91 3.24 3.35
N LEU A 144 -4.66 2.94 3.01
CA LEU A 144 -4.35 1.61 2.44
C LEU A 144 -4.71 0.53 3.46
N LYS A 145 -4.35 0.77 4.73
CA LYS A 145 -4.62 -0.26 5.77
C LYS A 145 -6.12 -0.46 5.93
N LEU A 146 -6.86 0.64 6.01
CA LEU A 146 -8.33 0.59 6.27
C LEU A 146 -8.97 -0.15 5.08
N LEU A 147 -8.44 0.12 3.89
CA LEU A 147 -9.03 -0.57 2.72
C LEU A 147 -8.78 -2.06 2.75
N GLN A 148 -7.60 -2.50 3.21
CA GLN A 148 -7.29 -3.94 3.28
C GLN A 148 -8.03 -4.63 4.39
N ILE A 149 -8.29 -3.90 5.46
CA ILE A 149 -8.93 -4.52 6.59
C ILE A 149 -10.41 -4.73 6.26
N VAL A 150 -11.02 -3.71 5.67
CA VAL A 150 -12.47 -3.70 5.42
C VAL A 150 -12.84 -4.31 4.05
N ARG A 151 -11.96 -4.24 3.05
CA ARG A 151 -12.22 -4.65 1.65
C ARG A 151 -13.58 -4.16 1.14
N PRO A 152 -13.84 -2.86 1.23
CA PRO A 152 -15.11 -2.27 0.74
C PRO A 152 -15.16 -2.34 -0.80
N ASP A 153 -16.37 -2.39 -1.31
CA ASP A 153 -16.59 -2.14 -2.77
C ASP A 153 -16.43 -0.69 -3.22
N ARG A 154 -16.87 0.22 -2.34
CA ARG A 154 -16.85 1.64 -2.54
CA ARG A 154 -16.88 1.67 -2.59
C ARG A 154 -16.48 2.48 -1.34
N VAL A 155 -15.49 3.35 -1.46
CA VAL A 155 -15.01 4.15 -0.34
C VAL A 155 -15.33 5.66 -0.58
N PHE A 156 -15.82 6.35 0.45
CA PHE A 156 -16.36 7.66 0.21
C PHE A 156 -15.53 8.75 0.93
N PHE A 157 -15.20 9.82 0.20
CA PHE A 157 -14.45 10.94 0.77
C PHE A 157 -15.10 12.27 0.33
N GLY A 158 -15.00 13.31 1.17
CA GLY A 158 -15.50 14.64 0.83
C GLY A 158 -14.55 15.28 -0.16
N GLU A 159 -15.07 16.24 -0.90
CA GLU A 159 -14.20 16.99 -1.83
C GLU A 159 -13.45 18.11 -1.10
N LYS A 160 -13.76 18.38 0.18
CA LYS A 160 -13.23 19.52 0.88
C LYS A 160 -11.68 19.39 0.96
N ASP A 161 -11.22 18.20 1.28
CA ASP A 161 -9.80 17.90 1.27
C ASP A 161 -9.46 17.31 -0.10
N TYR A 162 -9.46 18.21 -1.11
CA TYR A 162 -9.42 17.80 -2.45
C TYR A 162 -8.05 17.21 -2.78
N GLN A 163 -6.99 17.80 -2.27
CA GLN A 163 -5.66 17.24 -2.57
C GLN A 163 -5.55 15.83 -2.02
N GLN A 164 -6.05 15.64 -0.80
CA GLN A 164 -6.12 14.33 -0.26
C GLN A 164 -6.90 13.31 -1.17
N LEU A 165 -8.04 13.76 -1.75
CA LEU A 165 -8.90 12.86 -2.53
C LEU A 165 -8.13 12.52 -3.79
N VAL A 166 -7.48 13.51 -4.36
CA VAL A 166 -6.68 13.21 -5.59
C VAL A 166 -5.57 12.12 -5.33
N LEU A 167 -4.86 12.30 -4.22
CA LEU A 167 -3.79 11.39 -3.81
C LEU A 167 -4.36 10.04 -3.54
N ILE A 168 -5.56 9.99 -2.95
CA ILE A 168 -6.21 8.70 -2.72
C ILE A 168 -6.57 8.02 -4.03
N ARG A 169 -7.03 8.77 -5.04
CA ARG A 169 -7.33 8.12 -6.35
C ARG A 169 -5.98 7.62 -6.94
N GLN A 170 -4.90 8.34 -6.66
CA GLN A 170 -3.56 7.88 -7.17
C GLN A 170 -3.14 6.58 -6.56
N LEU A 171 -3.33 6.48 -5.24
CA LEU A 171 -3.03 5.28 -4.44
C LEU A 171 -3.82 4.12 -5.06
N VAL A 172 -5.08 4.35 -5.28
CA VAL A 172 -5.97 3.26 -5.75
C VAL A 172 -5.53 2.80 -7.18
N ALA A 173 -5.27 3.77 -8.05
CA ALA A 173 -4.82 3.42 -9.45
C ALA A 173 -3.45 2.74 -9.38
N ASP A 174 -2.52 3.32 -8.59
CA ASP A 174 -1.09 2.90 -8.65
C ASP A 174 -0.82 1.58 -8.01
N PHE A 175 -1.69 1.18 -7.04
CA PHE A 175 -1.53 -0.09 -6.38
C PHE A 175 -2.62 -1.08 -6.85
N ASN A 176 -3.38 -0.75 -7.88
CA ASN A 176 -4.35 -1.69 -8.50
C ASN A 176 -5.39 -2.10 -7.48
N LEU A 177 -5.79 -1.15 -6.60
CA LEU A 177 -6.76 -1.54 -5.58
C LEU A 177 -8.15 -1.71 -6.20
N ASP A 178 -8.89 -2.73 -5.77
N ASP A 178 -8.83 -2.76 -5.81
CA ASP A 178 -10.18 -3.07 -6.45
CA ASP A 178 -10.11 -2.96 -6.47
C ASP A 178 -11.41 -2.19 -6.07
C ASP A 178 -11.17 -2.38 -5.52
N VAL A 179 -11.20 -1.05 -5.47
CA VAL A 179 -12.31 -0.33 -4.79
C VAL A 179 -12.64 0.82 -5.67
N ALA A 180 -13.88 1.23 -5.63
CA ALA A 180 -14.20 2.49 -6.31
C ALA A 180 -14.20 3.65 -5.38
N VAL A 181 -13.52 4.72 -5.79
CA VAL A 181 -13.45 5.93 -4.95
C VAL A 181 -14.60 6.91 -5.36
N VAL A 182 -15.43 7.23 -4.40
CA VAL A 182 -16.55 8.18 -4.58
C VAL A 182 -16.23 9.47 -3.83
N GLY A 183 -16.15 10.55 -4.60
CA GLY A 183 -15.97 11.90 -4.04
C GLY A 183 -17.30 12.59 -3.91
N VAL A 184 -17.61 13.08 -2.71
CA VAL A 184 -18.90 13.70 -2.36
C VAL A 184 -18.79 15.20 -2.17
N PRO A 185 -19.65 16.00 -2.82
CA PRO A 185 -19.42 17.46 -2.79
C PRO A 185 -19.46 18.01 -1.37
N THR A 186 -18.63 19.02 -1.12
CA THR A 186 -18.48 19.55 0.24
C THR A 186 -19.83 20.08 0.79
N VAL A 187 -20.13 19.73 2.02
CA VAL A 187 -21.31 20.29 2.69
C VAL A 187 -20.90 21.63 3.31
N ARG A 188 -21.76 22.65 3.22
CA ARG A 188 -21.42 23.99 3.67
C ARG A 188 -22.50 24.47 4.64
N GLU A 189 -22.10 25.30 5.57
CA GLU A 189 -23.04 26.08 6.37
C GLU A 189 -23.90 27.01 5.44
N ALA A 190 -25.01 27.54 5.97
CA ALA A 190 -25.92 28.39 5.14
C ALA A 190 -25.23 29.58 4.41
N ASP A 191 -24.17 30.12 5.03
CA ASP A 191 -23.43 31.20 4.46
C ASP A 191 -22.37 30.80 3.42
N GLY A 192 -22.15 29.49 3.31
CA GLY A 192 -21.13 28.99 2.37
C GLY A 192 -19.88 28.39 3.01
N LEU A 193 -19.69 28.57 4.33
CA LEU A 193 -18.48 28.06 5.00
C LEU A 193 -18.42 26.54 4.89
N ALA A 194 -17.30 26.00 4.38
CA ALA A 194 -17.13 24.58 4.31
C ALA A 194 -17.20 23.93 5.68
N MET A 195 -17.91 22.84 5.83
CA MET A 195 -17.92 22.00 7.05
CA MET A 195 -17.92 22.14 7.10
C MET A 195 -16.52 21.67 7.41
N SER A 196 -16.16 21.67 8.68
CA SER A 196 -14.85 21.19 9.08
C SER A 196 -14.88 20.99 10.60
N SER A 197 -14.21 19.93 11.04
CA SER A 197 -13.93 19.68 12.45
CA SER A 197 -14.11 19.75 12.48
C SER A 197 -13.25 20.89 13.10
N ARG A 198 -12.54 21.69 12.31
CA ARG A 198 -11.77 22.82 12.89
C ARG A 198 -12.57 24.15 13.00
N ASN A 199 -13.77 24.20 12.43
CA ASN A 199 -14.62 25.39 12.51
C ASN A 199 -14.94 25.74 13.95
N ARG A 200 -14.92 24.72 14.82
CA ARG A 200 -15.19 25.00 16.27
C ARG A 200 -14.14 25.86 16.91
N TYR A 201 -12.98 26.06 16.28
CA TYR A 201 -11.96 26.96 16.84
C TYR A 201 -11.97 28.44 16.35
N LEU A 202 -12.97 28.81 15.56
CA LEU A 202 -13.20 30.18 15.14
C LEU A 202 -14.05 30.88 16.22
N ASP A 203 -13.55 31.98 16.74
CA ASP A 203 -14.38 32.82 17.66
C ASP A 203 -15.46 33.52 16.87
N PRO A 204 -16.40 34.22 17.52
CA PRO A 204 -17.46 34.83 16.67
C PRO A 204 -17.00 35.77 15.52
N ALA A 205 -16.00 36.58 15.79
CA ALA A 205 -15.46 37.45 14.79
C ALA A 205 -14.78 36.66 13.68
N GLN A 206 -14.02 35.62 14.04
CA GLN A 206 -13.31 34.81 13.00
C GLN A 206 -14.36 34.04 12.20
N ARG A 207 -15.39 33.54 12.87
CA ARG A 207 -16.47 32.83 12.15
C ARG A 207 -17.10 33.74 11.08
N ALA A 208 -17.36 35.02 11.44
CA ALA A 208 -17.91 36.04 10.52
C ALA A 208 -16.98 36.21 9.32
N ALA A 209 -15.71 36.37 9.60
CA ALA A 209 -14.70 36.64 8.55
C ALA A 209 -14.43 35.43 7.66
N ALA A 210 -14.60 34.24 8.24
CA ALA A 210 -14.30 32.97 7.48
C ALA A 210 -15.18 32.72 6.23
N VAL A 211 -16.32 33.43 6.13
CA VAL A 211 -17.21 33.30 4.95
C VAL A 211 -16.39 33.79 3.71
N ALA A 212 -15.35 34.55 3.95
CA ALA A 212 -14.63 35.08 2.76
C ALA A 212 -14.03 34.00 1.89
N LEU A 213 -13.66 32.84 2.48
CA LEU A 213 -13.03 31.83 1.62
C LEU A 213 -14.04 31.36 0.58
N SER A 214 -15.22 30.87 1.01
CA SER A 214 -16.19 30.39 0.04
C SER A 214 -16.68 31.56 -0.84
N ALA A 215 -16.82 32.79 -0.29
CA ALA A 215 -17.26 33.96 -1.07
C ALA A 215 -16.22 34.14 -2.20
N ALA A 216 -14.92 34.12 -1.83
CA ALA A 216 -13.85 34.37 -2.83
C ALA A 216 -13.87 33.30 -3.96
N LEU A 217 -14.01 32.05 -3.55
CA LEU A 217 -14.07 30.95 -4.52
C LEU A 217 -15.26 31.02 -5.45
N THR A 218 -16.44 31.30 -4.91
CA THR A 218 -17.64 31.34 -5.79
CA THR A 218 -17.64 31.37 -5.72
C THR A 218 -17.58 32.58 -6.68
N ALA A 219 -17.02 33.69 -6.18
CA ALA A 219 -16.78 34.88 -7.01
C ALA A 219 -15.84 34.47 -8.19
N ALA A 220 -14.76 33.77 -7.86
CA ALA A 220 -13.88 33.29 -8.98
C ALA A 220 -14.57 32.39 -10.00
N ALA A 221 -15.42 31.46 -9.54
CA ALA A 221 -15.98 30.46 -10.45
C ALA A 221 -16.86 31.26 -11.45
N HIS A 222 -17.50 32.33 -10.98
CA HIS A 222 -18.33 33.14 -11.90
C HIS A 222 -17.51 34.12 -12.75
N ALA A 223 -16.45 34.71 -12.19
CA ALA A 223 -15.54 35.65 -12.89
C ALA A 223 -14.85 34.93 -14.07
N ALA A 224 -14.75 33.59 -13.96
CA ALA A 224 -13.90 32.72 -14.83
C ALA A 224 -14.33 32.79 -16.31
N THR A 225 -15.53 33.30 -16.61
CA THR A 225 -15.91 33.54 -18.05
C THR A 225 -14.97 34.51 -18.66
N ALA A 226 -14.36 35.35 -17.83
CA ALA A 226 -13.40 36.35 -18.28
C ALA A 226 -11.91 35.85 -18.26
N GLY A 227 -11.71 34.58 -17.91
CA GLY A 227 -10.39 33.93 -17.96
C GLY A 227 -9.75 33.74 -16.60
N ALA A 228 -8.55 33.13 -16.61
CA ALA A 228 -7.93 32.73 -15.33
C ALA A 228 -7.53 33.91 -14.47
N GLN A 229 -6.91 34.92 -15.08
CA GLN A 229 -6.48 36.08 -14.29
C GLN A 229 -7.64 36.81 -13.57
N ALA A 230 -8.73 37.02 -14.28
CA ALA A 230 -9.90 37.63 -13.66
C ALA A 230 -10.40 36.76 -12.53
N ALA A 231 -10.40 35.46 -12.72
CA ALA A 231 -10.94 34.56 -11.65
C ALA A 231 -10.07 34.71 -10.38
N LEU A 232 -8.76 34.56 -10.58
CA LEU A 232 -7.83 34.71 -9.51
C LEU A 232 -7.87 36.08 -8.84
N ASP A 233 -7.98 37.14 -9.63
CA ASP A 233 -8.02 38.49 -9.04
C ASP A 233 -9.30 38.71 -8.25
N ALA A 234 -10.45 38.17 -8.71
CA ALA A 234 -11.76 38.28 -7.98
C ALA A 234 -11.55 37.63 -6.61
N ALA A 235 -10.99 36.42 -6.61
CA ALA A 235 -10.89 35.71 -5.32
C ALA A 235 -9.92 36.48 -4.43
N ARG A 236 -8.85 36.98 -5.00
CA ARG A 236 -7.89 37.70 -4.15
C ARG A 236 -8.49 38.99 -3.55
N ALA A 237 -9.33 39.68 -4.35
CA ALA A 237 -9.98 40.92 -3.89
C ALA A 237 -10.84 40.64 -2.66
N VAL A 238 -11.63 39.58 -2.76
CA VAL A 238 -12.48 39.20 -1.64
C VAL A 238 -11.67 38.83 -0.40
N LEU A 239 -10.64 38.02 -0.56
CA LEU A 239 -9.79 37.63 0.60
C LEU A 239 -9.08 38.85 1.20
N ASP A 240 -8.60 39.72 0.33
CA ASP A 240 -8.02 41.04 0.76
C ASP A 240 -8.99 41.95 1.52
N ALA A 241 -10.28 41.87 1.24
CA ALA A 241 -11.25 42.72 1.92
C ALA A 241 -11.59 42.17 3.30
N ALA A 242 -11.06 40.99 3.67
CA ALA A 242 -11.62 40.29 4.84
C ALA A 242 -10.75 40.54 6.04
N PRO A 243 -11.40 40.94 7.14
CA PRO A 243 -10.71 41.25 8.39
C PRO A 243 -9.99 40.04 8.95
N GLY A 244 -8.67 40.13 9.05
CA GLY A 244 -7.92 39.12 9.82
C GLY A 244 -7.93 37.77 9.14
N VAL A 245 -7.96 37.76 7.81
CA VAL A 245 -7.77 36.52 7.06
C VAL A 245 -6.35 36.54 6.48
N ALA A 246 -5.51 35.62 6.93
CA ALA A 246 -4.14 35.57 6.38
C ALA A 246 -3.98 34.45 5.38
N VAL A 247 -3.87 34.85 4.13
CA VAL A 247 -3.78 33.83 3.07
C VAL A 247 -2.44 33.12 3.02
N ASP A 248 -2.43 31.78 2.97
N ASP A 248 -2.48 31.79 3.04
CA ASP A 248 -1.21 30.93 2.86
CA ASP A 248 -1.32 30.93 2.90
C ASP A 248 -0.95 30.56 1.40
C ASP A 248 -1.12 30.90 1.39
N TYR A 249 -2.01 30.20 0.68
CA TYR A 249 -1.91 30.12 -0.82
C TYR A 249 -3.30 30.25 -1.50
N LEU A 250 -3.27 30.60 -2.76
CA LEU A 250 -4.45 30.61 -3.59
C LEU A 250 -3.98 30.19 -4.92
N GLU A 251 -4.38 29.00 -5.36
CA GLU A 251 -3.75 28.39 -6.54
C GLU A 251 -4.81 27.84 -7.45
N LEU A 252 -4.64 28.09 -8.75
CA LEU A 252 -5.58 27.54 -9.69
C LEU A 252 -4.84 26.46 -10.45
N ARG A 253 -5.31 25.23 -10.38
CA ARG A 253 -4.61 24.07 -10.95
CA ARG A 253 -4.58 24.18 -11.07
C ARG A 253 -5.52 23.33 -11.88
N ASP A 254 -4.97 22.45 -12.73
CA ASP A 254 -5.78 21.46 -13.43
C ASP A 254 -6.49 20.53 -12.43
N ILE A 255 -7.56 19.84 -12.82
CA ILE A 255 -8.32 19.06 -11.84
C ILE A 255 -7.59 17.95 -11.18
N GLY A 256 -6.55 17.44 -11.84
CA GLY A 256 -5.71 16.40 -11.22
C GLY A 256 -4.64 16.96 -10.35
N LEU A 257 -4.54 18.30 -10.29
CA LEU A 257 -3.49 19.03 -9.54
C LEU A 257 -2.11 18.67 -10.01
N GLY A 258 -2.03 17.96 -11.14
CA GLY A 258 -0.79 17.22 -11.52
C GLY A 258 0.11 17.99 -12.47
N PRO A 259 1.06 17.28 -13.15
CA PRO A 259 2.02 17.94 -14.02
C PRO A 259 1.43 18.20 -15.42
N MET A 260 0.28 18.85 -15.46
CA MET A 260 -0.32 19.28 -16.72
C MET A 260 -0.85 20.69 -16.50
N PRO A 261 -0.78 21.52 -17.55
CA PRO A 261 -1.32 22.85 -17.40
C PRO A 261 -2.84 22.84 -17.34
N LEU A 262 -3.35 23.88 -16.71
CA LEU A 262 -4.75 24.23 -16.80
C LEU A 262 -5.21 24.32 -18.28
N ASN A 263 -6.22 23.54 -18.63
CA ASN A 263 -7.00 23.77 -19.86
C ASN A 263 -8.39 24.43 -19.55
N GLY A 264 -9.48 23.79 -19.95
CA GLY A 264 -10.79 24.35 -19.66
C GLY A 264 -11.29 24.06 -18.25
N SER A 265 -10.70 23.09 -17.54
CA SER A 265 -11.26 22.69 -16.24
C SER A 265 -10.22 22.73 -15.18
N GLY A 266 -10.53 23.37 -14.07
CA GLY A 266 -9.54 23.74 -13.10
C GLY A 266 -10.15 23.47 -11.72
N ARG A 267 -9.27 23.51 -10.74
CA ARG A 267 -9.74 23.54 -9.35
C ARG A 267 -9.00 24.69 -8.71
N LEU A 268 -9.74 25.53 -7.97
CA LEU A 268 -9.09 26.69 -7.33
C LEU A 268 -9.08 26.33 -5.86
N LEU A 269 -7.89 26.41 -5.28
CA LEU A 269 -7.71 25.94 -3.90
C LEU A 269 -7.19 27.10 -3.09
N VAL A 270 -7.70 27.19 -1.88
CA VAL A 270 -7.24 28.27 -0.97
C VAL A 270 -6.97 27.67 0.45
N ALA A 271 -5.97 28.20 1.14
CA ALA A 271 -5.76 27.90 2.52
C ALA A 271 -5.47 29.21 3.20
N ALA A 272 -6.04 29.45 4.39
CA ALA A 272 -5.87 30.74 5.00
C ALA A 272 -5.91 30.54 6.51
N ARG A 273 -5.30 31.48 7.23
CA ARG A 273 -5.26 31.44 8.69
CA ARG A 273 -5.30 31.43 8.69
CA ARG A 273 -5.24 31.47 8.69
C ARG A 273 -6.18 32.52 9.27
N LEU A 274 -7.03 32.12 10.23
CA LEU A 274 -7.82 33.04 11.02
C LEU A 274 -7.36 32.88 12.47
N GLY A 275 -6.51 33.81 12.96
CA GLY A 275 -5.77 33.56 14.22
C GLY A 275 -4.93 32.31 14.08
N THR A 276 -5.18 31.33 14.92
CA THR A 276 -4.39 30.10 14.85
C THR A 276 -5.04 29.00 13.97
N THR A 277 -6.25 29.26 13.50
CA THR A 277 -7.00 28.24 12.79
C THR A 277 -6.73 28.30 11.27
N ARG A 278 -6.21 27.22 10.74
CA ARG A 278 -6.01 27.11 9.30
C ARG A 278 -7.26 26.52 8.65
N LEU A 279 -7.82 27.25 7.69
CA LEU A 279 -8.98 26.82 6.97
C LEU A 279 -8.63 26.51 5.50
N LEU A 280 -9.31 25.54 4.88
CA LEU A 280 -9.03 25.21 3.47
C LEU A 280 -10.35 25.25 2.76
N ASP A 281 -10.36 25.53 1.47
CA ASP A 281 -11.62 25.26 0.73
C ASP A 281 -11.19 25.18 -0.70
N ASN A 282 -12.09 24.77 -1.57
CA ASN A 282 -11.67 24.62 -3.02
C ASN A 282 -12.95 24.52 -3.82
N ILE A 283 -12.87 24.84 -5.09
CA ILE A 283 -14.04 24.74 -5.94
C ILE A 283 -13.63 24.38 -7.36
N ALA A 284 -14.60 23.82 -8.08
CA ALA A 284 -14.44 23.63 -9.52
C ALA A 284 -14.48 24.94 -10.27
N ILE A 285 -13.65 25.06 -11.29
CA ILE A 285 -13.57 26.30 -12.08
C ILE A 285 -13.61 25.89 -13.57
N GLU A 286 -14.49 26.51 -14.37
CA GLU A 286 -14.50 26.29 -15.85
C GLU A 286 -14.02 27.58 -16.44
N ILE A 287 -13.01 27.53 -17.27
CA ILE A 287 -12.43 28.73 -17.85
C ILE A 287 -13.11 29.08 -19.17
N GLY A 288 -13.56 30.34 -19.29
CA GLY A 288 -14.09 30.87 -20.55
C GLY A 288 -15.41 30.27 -20.96
N THR A 289 -15.46 29.88 -22.25
CA THR A 289 -16.63 29.26 -22.85
C THR A 289 -17.11 27.99 -22.13
N PHE A 290 -16.26 27.38 -21.30
CA PHE A 290 -16.70 26.31 -20.39
C PHE A 290 -17.64 26.80 -19.32
N MET B 1 -18.01 -6.45 -18.82
CA MET B 1 -18.31 -7.20 -17.56
C MET B 1 -18.56 -8.70 -17.83
N ALA B 2 -18.36 -9.12 -19.08
CA ALA B 2 -18.17 -10.53 -19.42
C ALA B 2 -16.74 -11.00 -19.02
N ILE B 3 -16.64 -12.11 -18.25
CA ILE B 3 -15.34 -12.69 -17.85
C ILE B 3 -14.51 -13.15 -19.08
N PRO B 4 -13.18 -12.88 -19.09
CA PRO B 4 -12.37 -13.32 -20.26
C PRO B 4 -12.39 -14.82 -20.37
N ALA B 5 -12.16 -15.34 -21.57
CA ALA B 5 -12.11 -16.78 -21.78
C ALA B 5 -11.07 -17.43 -20.81
N PHE B 6 -11.52 -18.48 -20.10
CA PHE B 6 -10.67 -19.36 -19.28
C PHE B 6 -10.99 -20.82 -19.63
N HIS B 7 -9.98 -21.56 -20.08
CA HIS B 7 -10.14 -22.96 -20.44
C HIS B 7 -9.46 -23.77 -19.34
N PRO B 8 -10.27 -24.41 -18.46
CA PRO B 8 -9.69 -25.17 -17.36
C PRO B 8 -8.80 -26.28 -17.86
N GLY B 9 -7.75 -26.57 -17.07
CA GLY B 9 -6.79 -27.58 -17.40
C GLY B 9 -5.88 -27.26 -18.58
N GLU B 10 -5.95 -26.04 -19.09
CA GLU B 10 -4.98 -25.62 -20.12
C GLU B 10 -4.17 -24.42 -19.60
N LEU B 11 -3.11 -24.05 -20.30
CA LEU B 11 -2.31 -22.88 -19.92
C LEU B 11 -2.93 -21.67 -20.58
N ASN B 12 -3.54 -20.81 -19.77
CA ASN B 12 -4.17 -19.58 -20.21
C ASN B 12 -3.25 -18.38 -20.01
N VAL B 13 -2.89 -17.68 -21.07
CA VAL B 13 -1.99 -16.54 -20.99
C VAL B 13 -2.77 -15.24 -21.06
N TYR B 14 -2.49 -14.33 -20.11
CA TYR B 14 -3.07 -12.98 -20.13
C TYR B 14 -2.02 -11.97 -19.91
N SER B 15 -2.06 -10.94 -20.72
CA SER B 15 -1.13 -9.80 -20.56
C SER B 15 -1.81 -8.62 -19.90
N ALA B 16 -3.16 -8.56 -19.88
CA ALA B 16 -3.79 -7.38 -19.32
C ALA B 16 -4.07 -7.64 -17.84
N PRO B 17 -3.61 -6.75 -16.95
CA PRO B 17 -3.91 -6.89 -15.52
C PRO B 17 -5.41 -7.08 -15.27
N GLY B 18 -6.25 -6.33 -16.00
CA GLY B 18 -7.67 -6.42 -15.76
C GLY B 18 -8.21 -7.78 -16.12
N ASP B 19 -7.66 -8.41 -17.13
CA ASP B 19 -8.17 -9.71 -17.50
C ASP B 19 -7.83 -10.73 -16.42
N VAL B 20 -6.58 -10.69 -15.93
CA VAL B 20 -6.20 -11.70 -14.98
C VAL B 20 -6.95 -11.46 -13.66
N ALA B 21 -7.22 -10.21 -13.37
CA ALA B 21 -7.98 -9.89 -12.14
C ALA B 21 -9.42 -10.44 -12.25
N ASP B 22 -10.06 -10.22 -13.42
CA ASP B 22 -11.44 -10.79 -13.67
C ASP B 22 -11.49 -12.31 -13.62
N VAL B 23 -10.54 -12.97 -14.27
CA VAL B 23 -10.48 -14.43 -14.26
C VAL B 23 -10.18 -14.95 -12.85
N SER B 24 -9.24 -14.33 -12.14
CA SER B 24 -8.89 -14.84 -10.83
C SER B 24 -10.13 -14.70 -9.91
N ARG B 25 -10.86 -13.58 -10.01
CA ARG B 25 -12.06 -13.37 -9.17
C ARG B 25 -13.17 -14.37 -9.54
N ALA B 26 -13.45 -14.53 -10.83
CA ALA B 26 -14.40 -15.57 -11.31
C ALA B 26 -14.00 -16.96 -10.79
N LEU B 27 -12.69 -17.28 -10.84
CA LEU B 27 -12.24 -18.57 -10.35
C LEU B 27 -12.41 -18.78 -8.84
N ARG B 28 -12.11 -17.74 -8.05
CA ARG B 28 -12.31 -17.82 -6.61
CA ARG B 28 -12.33 -17.71 -6.61
C ARG B 28 -13.79 -18.06 -6.27
N LEU B 29 -14.73 -17.49 -7.04
CA LEU B 29 -16.19 -17.73 -6.83
C LEU B 29 -16.67 -19.17 -7.13
N THR B 30 -15.90 -19.91 -7.93
CA THR B 30 -16.28 -21.25 -8.33
C THR B 30 -15.71 -22.32 -7.42
N GLY B 31 -15.07 -21.89 -6.33
CA GLY B 31 -14.42 -22.83 -5.42
C GLY B 31 -12.90 -22.66 -5.29
N ARG B 32 -12.23 -22.43 -6.43
CA ARG B 32 -10.77 -22.60 -6.54
C ARG B 32 -9.98 -21.68 -5.58
N ARG B 33 -8.80 -22.15 -5.14
CA ARG B 33 -7.94 -21.38 -4.22
C ARG B 33 -6.82 -20.90 -5.11
N VAL B 34 -6.62 -19.60 -5.16
CA VAL B 34 -5.77 -18.98 -6.21
C VAL B 34 -4.36 -18.90 -5.62
N MET B 35 -3.38 -19.50 -6.29
CA MET B 35 -1.99 -19.44 -5.77
C MET B 35 -1.17 -18.57 -6.70
N LEU B 36 -0.33 -17.68 -6.16
CA LEU B 36 0.48 -16.84 -7.01
C LEU B 36 1.96 -17.20 -6.88
N VAL B 37 2.61 -17.32 -8.03
CA VAL B 37 4.05 -17.56 -8.04
C VAL B 37 4.71 -16.45 -8.86
N PRO B 38 5.29 -15.45 -8.20
CA PRO B 38 5.90 -14.39 -9.01
C PRO B 38 7.26 -14.82 -9.53
N THR B 39 7.54 -14.48 -10.78
CA THR B 39 8.82 -14.80 -11.37
C THR B 39 9.37 -13.66 -12.23
N MET B 40 10.63 -13.74 -12.61
CA MET B 40 11.18 -12.73 -13.49
C MET B 40 11.73 -13.08 -14.86
N GLY B 41 12.83 -13.76 -14.92
CA GLY B 41 13.45 -14.10 -16.18
C GLY B 41 13.34 -15.57 -16.45
N ALA B 42 14.25 -16.10 -17.25
CA ALA B 42 14.21 -17.52 -17.57
C ALA B 42 13.89 -18.46 -16.38
N LEU B 43 12.82 -19.23 -16.51
CA LEU B 43 12.43 -20.18 -15.46
C LEU B 43 13.48 -21.25 -15.18
N HIS B 44 13.77 -21.50 -13.91
CA HIS B 44 14.71 -22.53 -13.51
C HIS B 44 14.08 -23.41 -12.44
N GLU B 45 14.81 -24.41 -11.95
CA GLU B 45 14.20 -25.42 -11.08
C GLU B 45 13.70 -24.87 -9.77
N GLY B 46 14.33 -23.78 -9.35
CA GLY B 46 13.89 -22.95 -8.21
C GLY B 46 12.40 -22.53 -8.41
N HIS B 47 12.15 -21.97 -9.56
CA HIS B 47 10.83 -21.50 -9.94
C HIS B 47 9.90 -22.71 -10.02
N LEU B 48 10.37 -23.85 -10.54
CA LEU B 48 9.47 -25.01 -10.66
C LEU B 48 9.12 -25.55 -9.28
N ALA B 49 10.09 -25.46 -8.35
CA ALA B 49 9.77 -25.83 -6.99
C ALA B 49 8.70 -24.93 -6.38
N LEU B 50 8.67 -23.65 -6.74
CA LEU B 50 7.55 -22.76 -6.20
C LEU B 50 6.19 -23.22 -6.81
N VAL B 51 6.23 -23.55 -8.11
CA VAL B 51 5.03 -24.05 -8.80
C VAL B 51 4.49 -25.30 -8.15
N ARG B 52 5.38 -26.26 -7.85
CA ARG B 52 4.98 -27.54 -7.30
C ARG B 52 4.40 -27.41 -5.94
N ALA B 53 5.00 -26.53 -5.14
CA ALA B 53 4.49 -26.18 -3.83
C ALA B 53 3.05 -25.61 -3.96
N ALA B 54 2.79 -24.79 -4.95
CA ALA B 54 1.51 -24.12 -5.07
C ALA B 54 0.48 -25.16 -5.58
N LYS B 55 0.96 -26.05 -6.44
CA LYS B 55 0.12 -27.14 -7.00
C LYS B 55 -0.42 -28.10 -5.99
N ARG B 56 0.28 -28.28 -4.90
CA ARG B 56 -0.18 -29.25 -3.94
C ARG B 56 -1.29 -28.81 -2.99
N VAL B 57 -1.67 -27.54 -3.01
CA VAL B 57 -2.84 -27.08 -2.23
C VAL B 57 -4.13 -27.63 -2.94
N PRO B 58 -4.96 -28.41 -2.23
CA PRO B 58 -6.14 -28.96 -2.92
C PRO B 58 -7.06 -27.84 -3.43
N GLY B 59 -7.54 -28.03 -4.65
CA GLY B 59 -8.38 -27.04 -5.34
C GLY B 59 -7.62 -25.85 -5.85
N SER B 60 -6.29 -25.94 -5.91
CA SER B 60 -5.48 -24.76 -6.32
C SER B 60 -5.67 -24.46 -7.79
N VAL B 61 -5.66 -23.16 -8.17
CA VAL B 61 -5.36 -22.82 -9.55
C VAL B 61 -4.07 -21.96 -9.40
N VAL B 62 -3.07 -22.27 -10.22
CA VAL B 62 -1.76 -21.60 -10.04
C VAL B 62 -1.62 -20.50 -11.06
N VAL B 63 -1.28 -19.28 -10.59
CA VAL B 63 -1.01 -18.16 -11.43
C VAL B 63 0.51 -17.90 -11.31
N VAL B 64 1.19 -17.86 -12.44
CA VAL B 64 2.60 -17.57 -12.48
C VAL B 64 2.75 -16.24 -13.16
N SER B 65 3.29 -15.22 -12.47
CA SER B 65 3.49 -13.98 -13.21
C SER B 65 4.90 -14.01 -13.78
N ILE B 66 5.08 -13.39 -14.95
CA ILE B 66 6.39 -13.31 -15.56
C ILE B 66 6.54 -11.84 -15.94
N PHE B 67 7.46 -11.15 -15.32
CA PHE B 67 7.51 -9.71 -15.45
C PHE B 67 8.82 -9.23 -15.03
N VAL B 68 9.52 -8.55 -15.92
CA VAL B 68 10.88 -8.12 -15.67
C VAL B 68 10.94 -6.76 -15.03
N ASN B 69 11.89 -6.63 -14.12
CA ASN B 69 12.00 -5.55 -13.15
C ASN B 69 10.94 -4.51 -13.21
N PRO B 70 11.35 -3.31 -13.62
CA PRO B 70 10.70 -2.12 -13.11
C PRO B 70 10.32 -2.69 -11.76
N MET B 71 11.40 -2.98 -11.04
CA MET B 71 11.34 -3.63 -9.77
C MET B 71 12.15 -2.82 -8.77
N ARG B 84 14.18 -14.27 -19.83
CA ARG B 84 14.79 -15.16 -20.80
C ARG B 84 14.07 -15.10 -22.13
N THR B 85 13.47 -16.24 -22.51
CA THR B 85 12.61 -16.34 -23.71
C THR B 85 11.19 -16.79 -23.31
N PRO B 86 10.16 -16.18 -23.94
CA PRO B 86 8.78 -16.55 -23.60
C PRO B 86 8.43 -18.00 -23.95
N ASP B 87 8.96 -18.50 -25.07
CA ASP B 87 8.61 -19.81 -25.64
C ASP B 87 8.83 -20.98 -24.68
N ASP B 88 10.08 -21.14 -24.22
CA ASP B 88 10.43 -22.26 -23.33
C ASP B 88 9.76 -22.14 -21.96
N ASP B 89 9.81 -20.93 -21.39
CA ASP B 89 9.14 -20.67 -20.12
C ASP B 89 7.70 -21.21 -20.13
N LEU B 90 6.94 -20.80 -21.15
CA LEU B 90 5.52 -21.20 -21.23
C LEU B 90 5.36 -22.70 -21.42
N ALA B 91 6.24 -23.31 -22.21
CA ALA B 91 6.29 -24.75 -22.39
C ALA B 91 6.48 -25.46 -21.05
N GLN B 92 7.43 -24.95 -20.28
CA GLN B 92 7.71 -25.47 -18.94
C GLN B 92 6.48 -25.38 -18.03
N LEU B 93 5.78 -24.25 -18.06
CA LEU B 93 4.60 -24.10 -17.19
C LEU B 93 3.47 -25.05 -17.60
N ARG B 94 3.27 -25.20 -18.92
CA ARG B 94 2.28 -26.13 -19.47
C ARG B 94 2.58 -27.53 -18.94
N ALA B 95 3.85 -27.92 -19.08
CA ALA B 95 4.35 -29.16 -18.54
C ALA B 95 3.98 -29.28 -17.06
N GLU B 96 4.08 -28.21 -16.27
CA GLU B 96 3.75 -28.31 -14.84
C GLU B 96 2.28 -28.30 -14.47
N GLY B 97 1.40 -28.18 -15.46
CA GLY B 97 -0.05 -28.03 -15.18
C GLY B 97 -0.50 -26.69 -14.63
N VAL B 98 0.31 -25.66 -14.84
CA VAL B 98 -0.06 -24.29 -14.49
C VAL B 98 -1.19 -23.84 -15.42
N GLU B 99 -2.25 -23.24 -14.86
CA GLU B 99 -3.41 -22.81 -15.72
C GLU B 99 -3.44 -21.36 -16.10
N ILE B 100 -2.65 -20.52 -15.40
CA ILE B 100 -2.59 -19.13 -15.77
C ILE B 100 -1.16 -18.61 -15.72
N ALA B 101 -0.73 -18.00 -16.81
CA ALA B 101 0.48 -17.20 -16.86
C ALA B 101 0.01 -15.74 -17.06
N PHE B 102 0.53 -14.82 -16.24
CA PHE B 102 0.28 -13.38 -16.36
C PHE B 102 1.54 -12.73 -16.89
N THR B 103 1.52 -12.16 -18.12
CA THR B 103 2.72 -11.62 -18.78
C THR B 103 2.56 -10.13 -19.14
N PRO B 104 2.50 -9.21 -18.15
CA PRO B 104 2.11 -7.84 -18.52
C PRO B 104 3.32 -7.13 -19.11
N THR B 105 3.06 -6.05 -19.87
CA THR B 105 4.11 -5.13 -20.25
C THR B 105 4.39 -4.23 -19.04
N THR B 106 5.56 -3.59 -19.06
CA THR B 106 5.87 -2.44 -18.20
C THR B 106 4.80 -1.32 -18.22
N ALA B 107 4.40 -0.92 -19.42
CA ALA B 107 3.36 0.06 -19.55
C ALA B 107 2.04 -0.36 -18.90
N ALA B 108 1.68 -1.64 -18.96
CA ALA B 108 0.38 -2.06 -18.41
C ALA B 108 0.55 -2.05 -16.87
N MET B 109 1.75 -2.36 -16.37
CA MET B 109 1.99 -2.31 -14.92
C MET B 109 2.13 -0.90 -14.35
N TYR B 110 2.72 -0.02 -15.14
CA TYR B 110 3.01 1.34 -14.76
C TYR B 110 2.38 2.37 -15.76
N PRO B 111 1.03 2.31 -15.96
CA PRO B 111 0.44 3.21 -16.99
C PRO B 111 0.66 4.69 -16.71
N ASP B 112 0.84 5.03 -15.44
CA ASP B 112 1.13 6.42 -15.02
C ASP B 112 2.57 6.69 -14.64
N GLY B 113 3.49 5.81 -15.05
CA GLY B 113 4.88 5.85 -14.59
C GLY B 113 5.01 5.59 -13.10
N LEU B 114 6.15 5.98 -12.53
CA LEU B 114 6.42 5.72 -11.13
C LEU B 114 5.80 6.89 -10.36
N ARG B 115 4.92 6.55 -9.44
CA ARG B 115 4.22 7.59 -8.79
C ARG B 115 4.09 7.23 -7.29
N THR B 116 2.94 6.66 -6.90
CA THR B 116 2.84 6.14 -5.54
C THR B 116 3.72 4.86 -5.46
N THR B 117 4.50 4.74 -4.40
CA THR B 117 5.34 3.57 -4.26
C THR B 117 5.34 3.10 -2.81
N VAL B 118 5.93 1.90 -2.57
CA VAL B 118 6.02 1.39 -1.20
C VAL B 118 7.41 1.81 -0.69
N GLN B 119 7.44 2.31 0.54
CA GLN B 119 8.68 2.65 1.24
CA GLN B 119 8.71 2.56 1.17
C GLN B 119 8.90 1.56 2.30
N PRO B 120 9.89 0.66 2.09
CA PRO B 120 10.18 -0.35 3.09
C PRO B 120 10.61 0.29 4.43
N GLY B 121 10.54 -0.51 5.48
CA GLY B 121 11.11 -0.14 6.77
C GLY B 121 12.64 -0.20 6.70
N PRO B 122 13.29 0.10 7.79
CA PRO B 122 14.78 0.31 7.86
C PRO B 122 15.61 -0.94 7.55
N LEU B 123 15.01 -2.12 7.70
CA LEU B 123 15.67 -3.32 7.23
C LEU B 123 16.13 -3.21 5.78
N ALA B 124 15.35 -2.51 4.93
CA ALA B 124 15.74 -2.41 3.53
C ALA B 124 17.06 -1.69 3.30
N ALA B 125 17.58 -0.99 4.30
CA ALA B 125 18.84 -0.21 4.16
C ALA B 125 20.09 -1.04 4.50
N GLU B 126 19.82 -2.22 5.07
CA GLU B 126 20.87 -3.09 5.62
C GLU B 126 21.19 -4.14 4.57
N LEU B 127 22.34 -4.81 4.73
CA LEU B 127 22.66 -6.03 3.96
C LEU B 127 22.64 -5.73 2.46
N GLU B 128 21.74 -6.32 1.65
CA GLU B 128 21.62 -5.99 0.20
C GLU B 128 21.29 -4.51 -0.09
N GLY B 129 20.73 -3.84 0.92
CA GLY B 129 20.32 -2.46 0.78
C GLY B 129 21.47 -1.47 0.82
N GLY B 130 22.66 -1.97 1.13
CA GLY B 130 23.94 -1.23 1.07
C GLY B 130 24.36 -0.86 -0.35
N PRO B 131 24.62 -1.86 -1.22
CA PRO B 131 24.88 -1.42 -2.61
C PRO B 131 23.62 -0.97 -3.41
N ARG B 132 22.43 -1.46 -3.06
CA ARG B 132 21.20 -1.22 -3.85
C ARG B 132 20.14 -0.63 -2.89
N PRO B 133 20.30 0.65 -2.49
CA PRO B 133 19.42 1.25 -1.47
C PRO B 133 17.94 1.52 -1.86
N THR B 134 17.62 1.36 -3.15
CA THR B 134 16.23 1.49 -3.57
C THR B 134 15.68 0.22 -4.16
N HIS B 135 16.50 -0.85 -4.20
CA HIS B 135 16.08 -2.12 -4.77
C HIS B 135 14.81 -2.64 -4.11
N PHE B 136 14.79 -2.67 -2.78
CA PHE B 136 13.67 -3.28 -2.17
C PHE B 136 12.39 -2.46 -2.31
N ALA B 137 12.48 -1.13 -2.43
CA ALA B 137 11.25 -0.34 -2.70
C ALA B 137 10.64 -0.84 -4.00
N GLY B 138 11.47 -1.10 -5.01
CA GLY B 138 10.95 -1.63 -6.25
C GLY B 138 10.23 -2.96 -6.15
N VAL B 139 10.90 -3.91 -5.48
CA VAL B 139 10.34 -5.25 -5.33
C VAL B 139 9.04 -5.13 -4.53
N LEU B 140 9.03 -4.37 -3.46
CA LEU B 140 7.80 -4.37 -2.63
C LEU B 140 6.63 -3.72 -3.35
N THR B 141 6.93 -2.69 -4.11
CA THR B 141 5.89 -2.01 -4.93
C THR B 141 5.31 -3.01 -5.93
N VAL B 142 6.14 -3.74 -6.68
CA VAL B 142 5.56 -4.64 -7.67
CA VAL B 142 5.67 -4.73 -7.65
C VAL B 142 4.87 -5.84 -7.01
N VAL B 143 5.37 -6.28 -5.85
CA VAL B 143 4.68 -7.39 -5.14
C VAL B 143 3.29 -6.95 -4.72
N LEU B 144 3.24 -5.77 -4.11
CA LEU B 144 1.93 -5.24 -3.68
C LEU B 144 0.95 -5.20 -4.88
N LYS B 145 1.39 -4.69 -6.02
CA LYS B 145 0.54 -4.67 -7.22
C LYS B 145 0.11 -6.00 -7.68
N LEU B 146 1.03 -6.96 -7.72
CA LEU B 146 0.64 -8.31 -8.16
C LEU B 146 -0.34 -8.88 -7.19
N LEU B 147 -0.12 -8.61 -5.88
CA LEU B 147 -1.08 -9.14 -4.91
C LEU B 147 -2.49 -8.54 -5.09
N GLN B 148 -2.55 -7.27 -5.42
CA GLN B 148 -3.86 -6.64 -5.62
C GLN B 148 -4.53 -7.07 -6.91
N ILE B 149 -3.74 -7.29 -7.98
CA ILE B 149 -4.28 -7.72 -9.28
C ILE B 149 -4.87 -9.15 -9.19
N VAL B 150 -4.09 -10.06 -8.63
CA VAL B 150 -4.39 -11.51 -8.62
C VAL B 150 -5.24 -11.88 -7.43
N ARG B 151 -5.03 -11.16 -6.31
CA ARG B 151 -5.70 -11.50 -5.03
C ARG B 151 -5.64 -13.00 -4.69
N PRO B 152 -4.43 -13.52 -4.55
CA PRO B 152 -4.25 -14.92 -4.23
C PRO B 152 -4.53 -15.18 -2.75
N ASP B 153 -4.89 -16.42 -2.46
CA ASP B 153 -4.94 -16.92 -1.10
C ASP B 153 -3.53 -17.13 -0.54
N ARG B 154 -2.60 -17.59 -1.39
CA ARG B 154 -1.19 -17.78 -0.99
C ARG B 154 -0.28 -17.32 -2.10
N VAL B 155 0.86 -16.79 -1.67
CA VAL B 155 1.89 -16.33 -2.57
C VAL B 155 3.21 -17.02 -2.15
N PHE B 156 3.99 -17.47 -3.14
CA PHE B 156 5.16 -18.39 -2.93
C PHE B 156 6.46 -17.65 -3.34
N PHE B 157 7.41 -17.58 -2.42
CA PHE B 157 8.72 -17.07 -2.72
C PHE B 157 9.78 -18.07 -2.27
N GLY B 158 10.95 -18.05 -2.94
CA GLY B 158 12.11 -18.86 -2.53
C GLY B 158 12.72 -18.23 -1.28
N GLU B 159 13.36 -19.05 -0.46
CA GLU B 159 14.11 -18.54 0.69
C GLU B 159 15.47 -18.00 0.23
N LYS B 160 15.80 -18.23 -1.04
CA LYS B 160 17.10 -17.70 -1.52
C LYS B 160 17.29 -16.20 -1.27
N ASP B 161 16.29 -15.40 -1.65
CA ASP B 161 16.40 -14.00 -1.38
C ASP B 161 15.68 -13.78 -0.04
N TYR B 162 16.36 -14.19 1.00
CA TYR B 162 15.79 -14.14 2.35
C TYR B 162 15.41 -12.74 2.84
N GLN B 163 16.30 -11.74 2.67
CA GLN B 163 15.98 -10.42 3.15
C GLN B 163 14.71 -9.95 2.38
N GLN B 164 14.64 -10.20 1.08
CA GLN B 164 13.46 -9.92 0.32
C GLN B 164 12.22 -10.57 0.93
N LEU B 165 12.30 -11.85 1.21
CA LEU B 165 11.16 -12.57 1.83
C LEU B 165 10.73 -11.94 3.16
N VAL B 166 11.70 -11.58 4.00
CA VAL B 166 11.35 -10.93 5.30
C VAL B 166 10.64 -9.58 5.12
N LEU B 167 11.11 -8.81 4.13
CA LEU B 167 10.51 -7.51 3.84
C LEU B 167 9.10 -7.72 3.30
N ILE B 168 8.91 -8.78 2.52
N ILE B 168 8.88 -8.76 2.51
CA ILE B 168 7.59 -9.12 2.01
CA ILE B 168 7.51 -9.02 2.03
C ILE B 168 6.64 -9.46 3.15
C ILE B 168 6.60 -9.45 3.17
N ARG B 169 7.11 -10.25 4.12
CA ARG B 169 6.28 -10.52 5.31
CA ARG B 169 6.29 -10.54 5.31
C ARG B 169 5.96 -9.24 6.09
N GLN B 170 6.89 -8.29 6.11
CA GLN B 170 6.66 -7.01 6.74
C GLN B 170 5.59 -6.18 6.01
N LEU B 171 5.71 -6.10 4.70
CA LEU B 171 4.65 -5.56 3.81
C LEU B 171 3.27 -6.14 4.15
N VAL B 172 3.14 -7.47 4.22
CA VAL B 172 1.83 -8.14 4.42
C VAL B 172 1.30 -7.79 5.80
N ALA B 173 2.18 -7.78 6.79
CA ALA B 173 1.73 -7.47 8.19
C ALA B 173 1.36 -5.96 8.31
N ASP B 174 2.22 -5.09 7.77
CA ASP B 174 2.08 -3.65 7.97
C ASP B 174 0.91 -3.06 7.21
N PHE B 175 0.57 -3.67 6.06
CA PHE B 175 -0.54 -3.10 5.27
C PHE B 175 -1.77 -4.00 5.41
N ASN B 176 -1.76 -4.97 6.38
CA ASN B 176 -2.93 -5.81 6.70
C ASN B 176 -3.42 -6.62 5.49
N LEU B 177 -2.48 -7.06 4.60
CA LEU B 177 -2.90 -7.84 3.43
C LEU B 177 -3.46 -9.24 3.80
N ASP B 178 -4.51 -9.73 3.12
N ASP B 178 -4.50 -9.68 3.11
CA ASP B 178 -5.16 -11.06 3.46
CA ASP B 178 -5.10 -10.97 3.41
C ASP B 178 -4.30 -12.36 3.34
C ASP B 178 -4.58 -12.01 2.38
N VAL B 179 -3.29 -12.30 2.49
CA VAL B 179 -2.64 -13.39 1.79
C VAL B 179 -1.69 -14.08 2.73
N ALA B 180 -1.58 -15.40 2.55
CA ALA B 180 -0.58 -16.23 3.28
C ALA B 180 0.73 -16.23 2.44
N VAL B 181 1.82 -15.86 3.08
CA VAL B 181 3.15 -15.85 2.41
C VAL B 181 3.84 -17.19 2.69
N VAL B 182 4.16 -17.94 1.62
CA VAL B 182 4.81 -19.24 1.76
C VAL B 182 6.29 -19.10 1.30
N GLY B 183 7.20 -19.33 2.22
CA GLY B 183 8.62 -19.46 1.88
C GLY B 183 8.99 -20.91 1.55
N VAL B 184 9.66 -21.09 0.40
CA VAL B 184 9.98 -22.40 -0.10
C VAL B 184 11.53 -22.56 -0.07
N PRO B 185 12.03 -23.67 0.54
CA PRO B 185 13.48 -23.94 0.65
C PRO B 185 14.16 -23.80 -0.69
N THR B 186 15.32 -23.17 -0.64
CA THR B 186 16.10 -22.93 -1.87
C THR B 186 16.50 -24.24 -2.55
N VAL B 187 16.21 -24.33 -3.84
CA VAL B 187 16.70 -25.38 -4.68
C VAL B 187 18.22 -25.10 -4.96
N ARG B 188 19.00 -26.18 -4.89
CA ARG B 188 20.45 -26.13 -5.03
C ARG B 188 20.93 -27.11 -6.05
N GLU B 189 22.01 -26.73 -6.71
CA GLU B 189 22.78 -27.65 -7.53
C GLU B 189 23.30 -28.80 -6.70
N ALA B 190 23.85 -29.80 -7.38
CA ALA B 190 24.30 -31.03 -6.70
C ALA B 190 25.35 -30.77 -5.62
N ASP B 191 26.23 -29.79 -5.85
CA ASP B 191 27.27 -29.48 -4.88
C ASP B 191 26.87 -28.47 -3.81
N GLY B 192 25.62 -27.98 -3.88
CA GLY B 192 25.08 -27.12 -2.83
C GLY B 192 24.89 -25.69 -3.30
N LEU B 193 25.45 -25.32 -4.46
CA LEU B 193 25.34 -23.96 -4.91
C LEU B 193 23.87 -23.53 -5.11
N ALA B 194 23.47 -22.43 -4.49
CA ALA B 194 22.05 -22.08 -4.57
C ALA B 194 21.70 -21.72 -6.04
N MET B 195 20.56 -22.19 -6.53
N MET B 195 20.55 -22.17 -6.52
CA MET B 195 20.19 -21.83 -7.92
CA MET B 195 20.13 -21.80 -7.89
C MET B 195 20.01 -20.31 -8.10
C MET B 195 20.03 -20.28 -8.08
N SER B 196 20.49 -19.81 -9.24
CA SER B 196 20.47 -18.37 -9.57
C SER B 196 20.74 -18.17 -11.06
N SER B 197 20.13 -17.12 -11.61
CA SER B 197 20.20 -16.85 -13.03
C SER B 197 21.65 -16.43 -13.29
N ARG B 198 22.29 -15.94 -12.22
CA ARG B 198 23.71 -15.52 -12.32
C ARG B 198 24.78 -16.63 -12.41
N ASN B 199 24.45 -17.85 -11.99
CA ASN B 199 25.41 -18.96 -11.98
C ASN B 199 26.07 -19.22 -13.35
N ARG B 200 25.31 -19.03 -14.43
CA ARG B 200 25.83 -19.31 -15.79
C ARG B 200 26.94 -18.40 -16.27
N TYR B 201 27.12 -17.27 -15.60
CA TYR B 201 28.18 -16.34 -15.94
C TYR B 201 29.50 -16.78 -15.39
N LEU B 202 29.46 -17.66 -14.40
CA LEU B 202 30.67 -18.00 -13.65
C LEU B 202 31.54 -18.78 -14.61
N ASP B 203 32.79 -18.40 -14.72
CA ASP B 203 33.71 -19.28 -15.39
C ASP B 203 34.10 -20.51 -14.49
N PRO B 204 34.83 -21.50 -15.04
CA PRO B 204 35.06 -22.74 -14.30
C PRO B 204 35.72 -22.50 -12.92
N ALA B 205 36.74 -21.63 -12.88
CA ALA B 205 37.44 -21.36 -11.62
C ALA B 205 36.44 -20.71 -10.62
N GLN B 206 35.62 -19.81 -11.13
CA GLN B 206 34.68 -19.08 -10.29
C GLN B 206 33.59 -20.03 -9.84
N ARG B 207 33.15 -20.93 -10.72
CA ARG B 207 32.07 -21.84 -10.37
C ARG B 207 32.52 -22.81 -9.31
N ALA B 208 33.81 -23.15 -9.35
CA ALA B 208 34.40 -24.10 -8.41
C ALA B 208 34.53 -23.40 -7.05
N ALA B 209 34.94 -22.15 -7.08
CA ALA B 209 35.07 -21.38 -5.80
C ALA B 209 33.73 -21.06 -5.16
N ALA B 210 32.69 -20.95 -5.98
CA ALA B 210 31.41 -20.48 -5.48
C ALA B 210 30.73 -21.48 -4.53
N VAL B 211 31.12 -22.75 -4.63
N VAL B 211 31.13 -22.75 -4.65
CA VAL B 211 30.63 -23.80 -3.68
CA VAL B 211 30.70 -23.82 -3.70
C VAL B 211 31.02 -23.41 -2.24
C VAL B 211 30.97 -23.34 -2.26
N ALA B 212 31.99 -22.49 -2.06
CA ALA B 212 32.40 -22.02 -0.67
C ALA B 212 31.26 -21.31 0.06
N LEU B 213 30.38 -20.59 -0.64
CA LEU B 213 29.26 -19.97 0.09
C LEU B 213 28.39 -21.00 0.81
N SER B 214 27.87 -21.99 0.08
CA SER B 214 27.00 -22.96 0.73
C SER B 214 27.74 -23.89 1.69
N ALA B 215 28.98 -24.19 1.35
CA ALA B 215 29.81 -25.06 2.24
C ALA B 215 30.07 -24.30 3.57
N ALA B 216 30.30 -22.98 3.50
CA ALA B 216 30.54 -22.16 4.72
C ALA B 216 29.27 -22.21 5.57
N LEU B 217 28.09 -22.12 4.88
CA LEU B 217 26.88 -21.91 5.66
C LEU B 217 26.48 -23.21 6.29
N THR B 218 26.61 -24.30 5.54
CA THR B 218 26.25 -25.59 6.15
CA THR B 218 26.26 -25.60 6.12
C THR B 218 27.23 -25.96 7.26
N ALA B 219 28.50 -25.59 7.09
CA ALA B 219 29.51 -25.86 8.13
C ALA B 219 29.09 -25.11 9.37
N ALA B 220 28.67 -23.85 9.21
CA ALA B 220 28.24 -23.01 10.37
C ALA B 220 27.04 -23.60 11.02
N ALA B 221 26.09 -24.10 10.23
CA ALA B 221 24.86 -24.65 10.80
C ALA B 221 25.14 -25.84 11.69
N HIS B 222 26.17 -26.63 11.33
CA HIS B 222 26.60 -27.78 12.19
C HIS B 222 27.57 -27.43 13.32
N ALA B 223 28.39 -26.36 13.12
CA ALA B 223 29.28 -25.86 14.15
C ALA B 223 28.46 -25.21 15.29
N ALA B 224 27.19 -24.84 15.00
CA ALA B 224 26.39 -24.03 15.94
C ALA B 224 26.06 -24.69 17.28
N THR B 225 26.11 -26.04 17.36
CA THR B 225 26.03 -26.68 18.69
C THR B 225 27.06 -26.11 19.64
N ALA B 226 28.17 -25.60 19.10
CA ALA B 226 29.22 -24.96 19.85
C ALA B 226 29.06 -23.44 20.04
N GLY B 227 27.95 -22.89 19.58
CA GLY B 227 27.58 -21.49 19.91
C GLY B 227 27.78 -20.60 18.65
N ALA B 228 27.25 -19.38 18.80
CA ALA B 228 27.29 -18.41 17.68
C ALA B 228 28.69 -18.07 17.13
N GLN B 229 29.65 -17.87 18.02
CA GLN B 229 30.95 -17.49 17.58
C GLN B 229 31.59 -18.66 16.80
N ALA B 230 31.37 -19.91 17.23
CA ALA B 230 31.96 -21.06 16.51
C ALA B 230 31.33 -21.15 15.12
N ALA B 231 30.03 -20.93 15.03
CA ALA B 231 29.35 -20.98 13.72
C ALA B 231 29.93 -19.96 12.77
N LEU B 232 30.04 -18.73 13.26
CA LEU B 232 30.62 -17.67 12.40
C LEU B 232 32.05 -17.91 12.02
N ASP B 233 32.88 -18.35 12.99
CA ASP B 233 34.29 -18.63 12.68
C ASP B 233 34.41 -19.76 11.71
N ALA B 234 33.54 -20.78 11.84
CA ALA B 234 33.56 -21.89 10.88
C ALA B 234 33.23 -21.36 9.47
N ALA B 235 32.19 -20.51 9.36
CA ALA B 235 31.82 -20.07 8.00
C ALA B 235 32.97 -19.25 7.45
N ARG B 236 33.51 -18.38 8.31
CA ARG B 236 34.60 -17.50 7.84
C ARG B 236 35.78 -18.31 7.35
N ALA B 237 36.15 -19.41 8.03
CA ALA B 237 37.32 -20.20 7.63
C ALA B 237 37.07 -20.82 6.28
N VAL B 238 35.83 -21.33 6.03
CA VAL B 238 35.56 -21.89 4.75
C VAL B 238 35.67 -20.86 3.61
N LEU B 239 35.01 -19.72 3.82
CA LEU B 239 35.23 -18.55 2.87
C LEU B 239 36.69 -18.20 2.66
N ASP B 240 37.51 -18.19 3.71
CA ASP B 240 38.94 -17.92 3.61
C ASP B 240 39.72 -19.00 2.85
N ALA B 241 39.14 -20.18 2.63
CA ALA B 241 39.87 -21.23 1.92
C ALA B 241 39.64 -21.06 0.41
N ALA B 242 38.76 -20.16 -0.01
CA ALA B 242 38.42 -20.01 -1.43
C ALA B 242 39.17 -18.83 -2.02
N PRO B 243 39.79 -19.05 -3.20
CA PRO B 243 40.31 -17.88 -3.92
C PRO B 243 39.27 -17.06 -4.73
N GLY B 244 39.53 -15.76 -4.82
CA GLY B 244 38.70 -14.83 -5.64
C GLY B 244 37.25 -14.75 -5.20
N VAL B 245 37.07 -14.88 -3.89
CA VAL B 245 35.71 -14.75 -3.24
C VAL B 245 35.79 -13.55 -2.33
N ALA B 246 35.26 -12.44 -2.83
CA ALA B 246 35.36 -11.19 -2.07
C ALA B 246 34.07 -11.09 -1.22
N VAL B 247 34.22 -11.34 0.08
CA VAL B 247 33.04 -11.37 0.93
C VAL B 247 32.49 -9.96 1.27
N ASP B 248 31.23 -9.70 0.92
CA ASP B 248 30.70 -8.35 1.23
C ASP B 248 30.15 -8.34 2.65
N TYR B 249 29.46 -9.40 3.07
CA TYR B 249 29.06 -9.51 4.48
C TYR B 249 28.86 -10.94 4.83
N LEU B 250 28.94 -11.23 6.13
CA LEU B 250 28.64 -12.54 6.69
C LEU B 250 28.00 -12.21 8.06
N GLU B 251 26.70 -12.40 8.19
N GLU B 251 26.71 -12.46 8.19
CA GLU B 251 26.03 -11.90 9.38
CA GLU B 251 25.95 -11.88 9.28
C GLU B 251 25.04 -12.90 9.86
C GLU B 251 25.00 -12.89 9.86
N LEU B 252 25.02 -13.05 11.19
CA LEU B 252 24.10 -13.96 11.84
C LEU B 252 23.07 -13.05 12.53
N ARG B 253 21.79 -13.28 12.21
CA ARG B 253 20.69 -12.44 12.66
C ARG B 253 19.61 -13.33 13.23
N ASP B 254 18.59 -12.76 13.87
CA ASP B 254 17.47 -13.64 14.21
C ASP B 254 16.65 -13.88 12.95
N ILE B 255 15.58 -14.64 13.07
CA ILE B 255 14.87 -15.04 11.86
C ILE B 255 14.16 -13.88 11.15
N GLY B 256 13.85 -12.80 11.88
CA GLY B 256 13.22 -11.61 11.23
C GLY B 256 14.27 -10.60 10.84
N LEU B 257 15.56 -10.98 10.93
CA LEU B 257 16.71 -10.15 10.59
C LEU B 257 17.05 -9.04 11.56
N GLY B 258 16.40 -9.08 12.72
CA GLY B 258 16.90 -8.28 13.80
C GLY B 258 18.16 -8.93 14.38
N PRO B 259 18.66 -8.36 15.49
CA PRO B 259 19.85 -8.88 16.19
C PRO B 259 19.66 -10.29 16.72
N MET B 260 20.67 -11.11 16.53
N MET B 260 20.70 -11.08 16.55
CA MET B 260 20.60 -12.50 16.93
CA MET B 260 20.78 -12.44 17.01
C MET B 260 20.61 -12.56 18.45
C MET B 260 20.62 -12.50 18.52
N PRO B 261 19.59 -13.23 19.03
CA PRO B 261 19.41 -13.39 20.49
C PRO B 261 20.46 -14.38 21.04
N LEU B 262 20.64 -14.42 22.36
CA LEU B 262 21.68 -15.29 22.96
C LEU B 262 21.65 -16.76 22.48
N ASN B 263 20.46 -17.37 22.48
CA ASN B 263 20.27 -18.74 21.95
C ASN B 263 19.01 -18.85 21.04
N GLY B 264 18.66 -20.04 20.57
CA GLY B 264 17.44 -20.16 19.72
C GLY B 264 17.70 -19.93 18.22
N SER B 265 16.65 -19.58 17.49
CA SER B 265 16.67 -19.62 16.02
C SER B 265 17.24 -18.36 15.41
N GLY B 266 17.99 -18.57 14.33
CA GLY B 266 18.55 -17.51 13.61
C GLY B 266 18.71 -17.79 12.14
N ARG B 267 19.33 -16.83 11.44
CA ARG B 267 19.64 -17.06 10.00
C ARG B 267 21.01 -16.54 9.78
N LEU B 268 21.78 -17.25 8.97
CA LEU B 268 23.10 -16.74 8.67
C LEU B 268 23.13 -16.39 7.19
N LEU B 269 23.57 -15.19 6.90
CA LEU B 269 23.51 -14.71 5.54
C LEU B 269 24.88 -14.29 5.05
N VAL B 270 25.15 -14.58 3.80
CA VAL B 270 26.44 -14.19 3.17
C VAL B 270 26.23 -13.61 1.76
N ALA B 271 27.07 -12.65 1.39
CA ALA B 271 27.12 -12.22 0.00
C ALA B 271 28.56 -12.02 -0.41
N ALA B 272 28.88 -12.36 -1.65
CA ALA B 272 30.28 -12.21 -2.09
C ALA B 272 30.31 -11.98 -3.56
N ARG B 273 31.40 -11.41 -4.00
CA ARG B 273 31.58 -11.11 -5.44
C ARG B 273 32.64 -12.00 -5.98
N LEU B 274 32.38 -12.67 -7.10
CA LEU B 274 33.35 -13.54 -7.74
C LEU B 274 33.55 -12.93 -9.13
N GLY B 275 34.64 -12.18 -9.30
CA GLY B 275 34.84 -11.40 -10.56
C GLY B 275 33.79 -10.30 -10.56
N THR B 276 32.94 -10.30 -11.57
CA THR B 276 31.84 -9.32 -11.65
C THR B 276 30.48 -9.83 -11.16
N THR B 277 30.41 -11.07 -10.68
CA THR B 277 29.13 -11.70 -10.37
C THR B 277 28.94 -11.67 -8.83
N ARG B 278 27.83 -11.14 -8.37
CA ARG B 278 27.48 -11.16 -6.95
C ARG B 278 26.64 -12.38 -6.68
N LEU B 279 27.08 -13.15 -5.68
CA LEU B 279 26.33 -14.31 -5.26
C LEU B 279 25.85 -14.16 -3.82
N LEU B 280 24.72 -14.75 -3.50
CA LEU B 280 24.18 -14.63 -2.11
C LEU B 280 23.75 -16.00 -1.66
N ASP B 281 23.73 -16.25 -0.35
CA ASP B 281 23.20 -17.49 0.18
C ASP B 281 22.83 -17.24 1.65
N ASN B 282 21.98 -18.11 2.18
CA ASN B 282 21.60 -17.94 3.59
C ASN B 282 21.14 -19.32 4.10
N ILE B 283 21.16 -19.51 5.44
CA ILE B 283 20.70 -20.80 5.97
C ILE B 283 20.10 -20.61 7.39
N ALA B 284 19.18 -21.51 7.77
CA ALA B 284 18.67 -21.56 9.18
C ALA B 284 19.78 -22.01 10.11
N ILE B 285 19.90 -21.37 11.27
CA ILE B 285 20.93 -21.74 12.24
C ILE B 285 20.16 -21.90 13.56
N GLU B 286 20.45 -22.96 14.33
CA GLU B 286 19.93 -23.11 15.71
C GLU B 286 21.12 -23.00 16.69
N ILE B 287 21.05 -22.05 17.61
CA ILE B 287 22.23 -21.79 18.47
C ILE B 287 22.24 -22.69 19.70
N GLY B 288 23.17 -23.67 19.69
CA GLY B 288 23.35 -24.62 20.79
C GLY B 288 22.31 -25.73 20.84
C 2B5 C . -13.07 18.37 8.02
N 2B5 C . -14.41 17.08 6.16
O 2B5 C . -13.74 17.85 8.85
CA 2B5 C . -13.51 18.23 6.60
CAA 2B5 C . -19.19 15.85 2.18
OAC 2B5 C . -12.70 12.90 8.96
CAE 2B5 C . -8.73 8.41 6.63
CAF 2B5 C . -8.59 8.95 5.33
CAG 2B5 C . -17.20 18.34 4.04
CAH 2B5 C . -9.56 9.07 7.55
CAI 2B5 C . -9.25 10.13 5.01
CAJ 2B5 C . -16.06 18.43 4.85
CAK 2B5 C . -17.14 15.95 4.26
CAL 2B5 C . -15.29 15.10 5.72
CAM 2B5 C . -11.00 10.97 7.93
CAN 2B5 C . -13.19 15.20 7.25
NAP 2B5 C . -12.46 13.99 6.89
OAQ 2B5 C . -18.86 17.07 2.86
OAR 2B5 C . -10.87 12.00 5.87
CAT 2B5 C . -12.29 12.98 7.78
CAU 2B5 C . -17.75 17.10 3.71
CAV 2B5 C . -14.27 15.76 6.36
CAW 2B5 C . -11.47 12.02 7.27
CAX 2B5 C . -10.18 10.20 7.18
CAY 2B5 C . -16.03 16.06 5.08
CAZ 2B5 C . -10.04 10.72 5.93
CBA 2B5 C . -15.50 17.28 5.36
OXT 2B5 C . -12.08 19.10 8.21
C1 EDO D . 2.32 0.48 9.10
O1 EDO D . 1.55 -0.40 9.99
C2 EDO D . 3.85 0.29 9.15
O2 EDO D . 4.26 1.62 9.07
C1 EDO E . 6.75 -4.75 18.16
O1 EDO E . 7.50 -4.73 16.92
C2 EDO E . 7.67 -4.23 19.25
O2 EDO E . 7.84 -2.82 18.94
C1 GOL F . 7.79 9.52 7.66
O1 GOL F . 8.05 9.45 6.28
C2 GOL F . 6.49 8.81 7.98
O2 GOL F . 5.84 8.32 6.82
C3 GOL F . 5.57 9.61 8.91
O3 GOL F . 4.28 9.74 8.34
C1 EDO G . 2.43 5.77 13.29
O1 EDO G . 2.77 7.14 13.29
C2 EDO G . 3.11 5.21 14.50
O2 EDO G . 2.36 5.88 15.51
C1 EDO H . -2.94 29.13 -12.75
O1 EDO H . -1.82 29.27 -11.88
C2 EDO H . -3.23 30.41 -13.54
O2 EDO H . -2.93 30.08 -14.88
C1 EOH I . -11.31 39.09 -20.75
C2 EOH I . -12.50 39.89 -20.32
O EOH I . -10.15 39.70 -20.20
C1 EDO J . -7.24 -2.08 -11.36
O1 EDO J . -6.96 -0.66 -11.43
C2 EDO J . -6.01 -2.89 -11.80
O2 EDO J . -6.38 -4.25 -12.02
C 2B5 K . 17.37 -16.40 -8.74
N 2B5 K . 15.61 -17.61 -7.23
O 2B5 K . 16.87 -16.88 -9.76
CA 2B5 K . 16.99 -16.99 -7.42
CAA 2B5 K . 12.75 -22.39 -4.36
OAC 2B5 K . 12.19 -14.91 -9.96
CAE 2B5 K . 8.63 -10.19 -7.14
CAF 2B5 K . 8.26 -10.23 -8.48
CAG 2B5 K . 15.88 -20.92 -5.61
CAH 2B5 K . 9.54 -11.09 -6.62
CAI 2B5 K . 8.88 -11.18 -9.29
CAJ 2B5 K . 16.33 -19.72 -6.19
CAK 2B5 K . 13.64 -20.15 -5.94
CAL 2B5 K . 13.40 -17.92 -7.05
CAM 2B5 K . 11.06 -12.95 -7.25
CAN 2B5 K . 14.27 -15.66 -8.13
NAP 2B5 K . 13.07 -14.82 -7.85
OAQ 2B5 K . 14.09 -22.32 -4.93
OAR 2B5 K . 10.55 -12.95 -9.32
CAT 2B5 K . 12.14 -14.52 -8.79
CAU 2B5 K . 14.51 -21.14 -5.47
CAV 2B5 K . 14.37 -17.05 -7.44
CAW 2B5 K . 11.27 -13.53 -8.44
CAX 2B5 K . 10.14 -11.98 -7.45
CAY 2B5 K . 14.08 -19.00 -6.52
CAZ 2B5 K . 9.80 -11.99 -8.75
CBA 2B5 K . 15.44 -18.79 -6.62
OXT 2B5 K . 18.31 -15.55 -8.68
C1 GOL L . 9.13 4.38 6.47
O1 GOL L . 8.80 3.28 5.65
C2 GOL L . 10.36 4.06 7.33
O2 GOL L . 9.92 3.47 8.52
C3 GOL L . 11.30 3.09 6.59
O3 GOL L . 12.62 3.57 6.51
C1 GOL M . -4.66 8.19 -11.04
O1 GOL M . -4.49 7.85 -12.40
C2 GOL M . -6.06 8.63 -10.67
O2 GOL M . -6.11 9.98 -11.06
C3 GOL M . -7.10 7.75 -11.38
O3 GOL M . -8.40 8.26 -11.20
C1 GOL N . -5.87 -8.12 0.41
O1 GOL N . -5.93 -7.76 1.80
C2 GOL N . -4.52 -8.04 -0.29
O2 GOL N . -4.75 -8.32 -1.65
C3 GOL N . -3.64 -9.18 0.18
O3 GOL N . -3.26 -9.96 -0.92
#